data_2JOD
#
_entry.id   2JOD
#
loop_
_entity.id
_entity.type
_entity.pdbx_description
1 polymer 'Pituitary adenylate cyclase-activating polypeptide type I receptor'
2 polymer 'Pituitary adenylate cyclase-activating polypeptide'
#
loop_
_entity_poly.entity_id
_entity_poly.type
_entity_poly.pdbx_seq_one_letter_code
_entity_poly.pdbx_strand_id
1 'polypeptide(L)'
;MGSMAHSDGIFKKEQAMCLEKIQRANELMGFNDSSPGCPGMWDNITCWKPAHVGEMVLVSCPELFRIFNPDQDMGVVSRN
CTEDGWSEPFPHYFDACGFDEYESET
;
A
2 'polypeptide(L)' FTDSYSRYRKQMAVKKYLAAVLGKRYKQRVKNK B
#
# COMPACT_ATOMS: atom_id res chain seq x y z
N MET A 1 0.69 13.65 24.81
CA MET A 1 0.51 12.27 25.33
C MET A 1 -0.73 11.62 24.72
N GLY A 2 -1.78 12.41 24.52
CA GLY A 2 -3.00 11.89 23.94
C GLY A 2 -2.95 11.85 22.43
N SER A 3 -2.45 12.92 21.83
CA SER A 3 -2.35 13.02 20.38
C SER A 3 -0.89 13.12 19.95
N MET A 4 -0.48 12.23 19.04
CA MET A 4 0.89 12.22 18.54
C MET A 4 0.96 12.76 17.12
N ALA A 5 2.13 13.25 16.74
CA ALA A 5 2.34 13.79 15.40
C ALA A 5 2.62 12.67 14.41
N HIS A 6 3.17 11.57 14.90
CA HIS A 6 3.49 10.42 14.07
C HIS A 6 4.49 10.78 12.97
N SER A 7 5.76 10.88 13.35
CA SER A 7 6.82 11.21 12.41
C SER A 7 7.17 10.00 11.56
N ASP A 8 6.88 8.82 12.09
CA ASP A 8 7.16 7.58 11.39
C ASP A 8 6.14 7.36 10.28
N GLY A 9 4.87 7.62 10.59
CA GLY A 9 3.82 7.46 9.61
C GLY A 9 3.46 8.79 8.97
N ILE A 10 4.44 9.39 8.31
CA ILE A 10 4.24 10.69 7.65
C ILE A 10 4.34 10.55 6.13
N PHE A 11 4.96 9.44 5.68
CA PHE A 11 5.15 9.16 4.25
C PHE A 11 5.44 10.41 3.43
N LYS A 12 6.33 11.25 3.93
CA LYS A 12 6.67 12.48 3.21
C LYS A 12 5.40 13.23 2.86
N LYS A 13 5.39 13.88 1.70
CA LYS A 13 4.22 14.62 1.25
C LYS A 13 3.27 13.71 0.48
N GLU A 14 3.75 12.52 0.14
CA GLU A 14 2.98 11.53 -0.61
C GLU A 14 1.56 11.35 -0.07
N GLN A 15 1.34 11.64 1.21
CA GLN A 15 0.01 11.49 1.81
C GLN A 15 -0.99 12.47 1.21
N ALA A 16 -0.67 13.75 1.29
CA ALA A 16 -1.54 14.80 0.77
C ALA A 16 -1.42 14.97 -0.74
N MET A 17 -0.27 14.61 -1.30
CA MET A 17 -0.03 14.75 -2.73
C MET A 17 -0.80 13.71 -3.54
N CYS A 18 -0.79 12.47 -3.09
CA CYS A 18 -1.48 11.40 -3.80
C CYS A 18 -2.99 11.46 -3.59
N LEU A 19 -3.40 11.79 -2.37
CA LEU A 19 -4.82 11.87 -2.04
C LEU A 19 -5.49 13.03 -2.78
N GLU A 20 -4.68 13.96 -3.28
CA GLU A 20 -5.19 15.11 -4.00
C GLU A 20 -5.59 14.72 -5.42
N LYS A 21 -4.78 13.87 -6.05
CA LYS A 21 -5.05 13.42 -7.42
C LYS A 21 -6.10 12.32 -7.41
N ILE A 22 -6.26 11.63 -6.29
CA ILE A 22 -7.25 10.59 -6.17
C ILE A 22 -8.63 11.21 -6.02
N GLN A 23 -8.65 12.40 -5.42
CA GLN A 23 -9.90 13.13 -5.22
C GLN A 23 -10.43 13.62 -6.56
N ARG A 24 -9.51 13.89 -7.50
CA ARG A 24 -9.88 14.33 -8.83
C ARG A 24 -10.37 13.14 -9.63
N ALA A 25 -9.80 11.98 -9.33
CA ALA A 25 -10.17 10.74 -10.02
C ALA A 25 -11.43 10.16 -9.39
N ASN A 26 -11.81 10.70 -8.23
CA ASN A 26 -12.99 10.23 -7.51
C ASN A 26 -14.28 10.68 -8.20
N GLU A 27 -14.40 11.99 -8.44
CA GLU A 27 -15.59 12.55 -9.07
C GLU A 27 -15.55 12.43 -10.60
N LEU A 28 -14.36 12.30 -11.16
CA LEU A 28 -14.21 12.20 -12.61
C LEU A 28 -14.25 10.73 -13.05
N MET A 29 -13.73 9.85 -12.20
CA MET A 29 -13.70 8.42 -12.45
C MET A 29 -13.34 8.07 -13.90
N GLY A 30 -13.99 7.03 -14.42
CA GLY A 30 -13.74 6.58 -15.78
C GLY A 30 -14.26 5.17 -16.01
N PHE A 31 -15.08 4.68 -15.07
CA PHE A 31 -15.66 3.34 -15.17
C PHE A 31 -17.06 3.40 -15.76
N ASN A 32 -17.91 4.24 -15.19
CA ASN A 32 -19.29 4.39 -15.64
C ASN A 32 -20.08 3.10 -15.44
N ASP A 33 -20.97 2.78 -16.38
CA ASP A 33 -21.79 1.58 -16.28
C ASP A 33 -21.29 0.47 -17.21
N SER A 34 -20.18 -0.15 -16.83
CA SER A 34 -19.60 -1.24 -17.60
C SER A 34 -18.64 -2.04 -16.72
N SER A 35 -17.70 -1.34 -16.10
CA SER A 35 -16.73 -1.96 -15.21
C SER A 35 -16.54 -1.09 -13.98
N PRO A 36 -17.49 -1.16 -13.03
CA PRO A 36 -17.46 -0.37 -11.79
C PRO A 36 -16.35 -0.78 -10.84
N GLY A 37 -16.33 -0.17 -9.66
CA GLY A 37 -15.32 -0.48 -8.67
C GLY A 37 -15.11 0.65 -7.67
N CYS A 38 -13.90 0.76 -7.16
CA CYS A 38 -13.57 1.80 -6.18
C CYS A 38 -13.08 3.07 -6.87
N PRO A 39 -13.29 4.25 -6.25
CA PRO A 39 -12.87 5.52 -6.81
C PRO A 39 -11.45 5.93 -6.37
N GLY A 40 -10.75 5.03 -5.70
CA GLY A 40 -9.40 5.34 -5.25
C GLY A 40 -9.26 5.31 -3.74
N MET A 41 -8.02 5.26 -3.26
CA MET A 41 -7.77 5.22 -1.82
C MET A 41 -6.30 5.44 -1.49
N TRP A 42 -6.05 5.85 -0.26
CA TRP A 42 -4.68 6.09 0.23
C TRP A 42 -4.48 5.36 1.56
N ASP A 43 -3.44 4.54 1.64
CA ASP A 43 -3.19 3.78 2.86
C ASP A 43 -1.99 4.30 3.65
N ASN A 44 -1.51 3.47 4.58
CA ASN A 44 -0.40 3.84 5.45
C ASN A 44 0.98 3.55 4.86
N ILE A 45 1.09 3.33 3.55
CA ILE A 45 2.41 3.06 2.99
C ILE A 45 2.45 3.15 1.46
N THR A 46 1.30 2.99 0.80
CA THR A 46 1.28 3.04 -0.66
C THR A 46 0.03 3.72 -1.20
N CYS A 47 0.12 4.18 -2.45
CA CYS A 47 -0.99 4.85 -3.12
C CYS A 47 -1.78 3.85 -3.95
N TRP A 48 -3.10 4.00 -3.95
CA TRP A 48 -3.96 3.11 -4.71
C TRP A 48 -4.81 3.87 -5.72
N LYS A 49 -4.71 3.45 -6.98
CA LYS A 49 -5.48 4.07 -8.05
C LYS A 49 -6.85 3.40 -8.14
N PRO A 50 -7.85 4.10 -8.70
CA PRO A 50 -9.19 3.54 -8.85
C PRO A 50 -9.18 2.14 -9.47
N ALA A 51 -9.55 1.14 -8.66
CA ALA A 51 -9.58 -0.24 -9.11
C ALA A 51 -10.98 -0.69 -9.51
N HIS A 52 -11.06 -1.89 -10.09
CA HIS A 52 -12.33 -2.46 -10.53
C HIS A 52 -12.85 -3.48 -9.51
N VAL A 53 -13.98 -4.12 -9.84
CA VAL A 53 -14.58 -5.11 -8.96
C VAL A 53 -13.80 -6.42 -9.01
N GLY A 54 -13.40 -6.91 -7.83
CA GLY A 54 -12.65 -8.15 -7.76
C GLY A 54 -11.20 -7.97 -8.17
N GLU A 55 -10.63 -6.83 -7.83
CA GLU A 55 -9.25 -6.52 -8.18
C GLU A 55 -8.34 -6.50 -6.95
N MET A 56 -7.27 -7.27 -7.02
CA MET A 56 -6.29 -7.34 -5.93
C MET A 56 -5.00 -6.66 -6.38
N VAL A 57 -4.77 -5.45 -5.91
CA VAL A 57 -3.60 -4.68 -6.29
C VAL A 57 -2.40 -4.94 -5.38
N LEU A 58 -1.33 -5.52 -5.95
CA LEU A 58 -0.10 -5.76 -5.21
C LEU A 58 0.93 -4.71 -5.60
N VAL A 59 1.12 -3.70 -4.76
CA VAL A 59 2.07 -2.64 -5.05
C VAL A 59 3.28 -2.73 -4.13
N SER A 60 4.45 -3.02 -4.71
CA SER A 60 5.68 -3.15 -3.95
C SER A 60 6.56 -1.90 -4.05
N CYS A 61 7.52 -1.80 -3.14
CA CYS A 61 8.44 -0.67 -3.13
C CYS A 61 9.51 -0.81 -4.20
N PRO A 62 9.93 0.30 -4.83
CA PRO A 62 10.97 0.27 -5.86
C PRO A 62 12.31 -0.25 -5.31
N GLU A 63 12.76 -1.39 -5.83
CA GLU A 63 14.01 -2.00 -5.38
C GLU A 63 13.88 -2.49 -3.93
N LEU A 64 13.59 -3.77 -3.79
CA LEU A 64 13.42 -4.38 -2.47
C LEU A 64 14.75 -4.61 -1.76
N PHE A 65 15.85 -4.34 -2.46
CA PHE A 65 17.18 -4.51 -1.88
C PHE A 65 17.80 -3.17 -1.55
N ARG A 66 17.47 -2.16 -2.34
CA ARG A 66 17.99 -0.81 -2.14
C ARG A 66 16.86 0.19 -1.88
N ILE A 67 16.25 0.10 -0.71
CA ILE A 67 15.17 1.00 -0.35
C ILE A 67 15.71 2.27 0.30
N PHE A 68 15.98 3.27 -0.52
CA PHE A 68 16.51 4.54 -0.02
C PHE A 68 15.51 5.66 -0.19
N ASN A 69 15.51 6.29 -1.37
CA ASN A 69 14.61 7.39 -1.65
C ASN A 69 13.21 6.88 -2.02
N PRO A 70 12.19 7.21 -1.22
CA PRO A 70 10.83 6.77 -1.47
C PRO A 70 10.03 7.74 -2.34
N ASP A 71 9.74 7.31 -3.57
CA ASP A 71 8.97 8.13 -4.50
C ASP A 71 7.48 7.94 -4.24
N GLN A 72 7.00 6.74 -4.52
CA GLN A 72 5.60 6.40 -4.31
C GLN A 72 5.34 4.91 -4.54
N ASP A 73 4.28 4.40 -3.94
CA ASP A 73 3.91 2.98 -4.06
C ASP A 73 4.95 2.08 -3.40
N MET A 74 4.73 1.79 -2.11
CA MET A 74 5.63 0.94 -1.34
C MET A 74 4.87 -0.13 -0.57
N GLY A 75 5.60 -1.13 -0.08
CA GLY A 75 4.99 -2.20 0.69
C GLY A 75 3.91 -2.94 -0.10
N VAL A 76 4.28 -4.09 -0.66
CA VAL A 76 3.33 -4.87 -1.45
C VAL A 76 2.22 -5.45 -0.58
N VAL A 77 1.08 -4.78 -0.64
CA VAL A 77 -0.11 -5.20 0.09
C VAL A 77 -1.27 -5.40 -0.88
N SER A 78 -1.85 -6.59 -0.88
CA SER A 78 -2.93 -6.90 -1.80
C SER A 78 -4.30 -6.67 -1.18
N ARG A 79 -4.93 -5.57 -1.57
CA ARG A 79 -6.25 -5.24 -1.06
C ARG A 79 -7.28 -5.40 -2.18
N ASN A 80 -8.29 -6.23 -1.94
CA ASN A 80 -9.33 -6.48 -2.94
C ASN A 80 -10.33 -5.33 -2.98
N CYS A 81 -11.10 -5.25 -4.06
CA CYS A 81 -12.07 -4.19 -4.22
C CYS A 81 -13.36 -4.71 -4.86
N THR A 82 -14.29 -5.15 -4.03
CA THR A 82 -15.57 -5.66 -4.51
C THR A 82 -16.55 -4.53 -4.76
N GLU A 83 -17.82 -4.88 -4.90
CA GLU A 83 -18.87 -3.90 -5.14
C GLU A 83 -19.21 -3.13 -3.86
N ASP A 84 -18.87 -3.72 -2.72
CA ASP A 84 -19.13 -3.09 -1.43
C ASP A 84 -18.11 -2.00 -1.13
N GLY A 85 -16.95 -2.11 -1.74
CA GLY A 85 -15.90 -1.13 -1.53
C GLY A 85 -14.53 -1.76 -1.40
N TRP A 86 -13.75 -1.29 -0.44
CA TRP A 86 -12.42 -1.82 -0.21
C TRP A 86 -12.44 -2.94 0.82
N SER A 87 -11.61 -3.96 0.60
CA SER A 87 -11.52 -5.09 1.50
C SER A 87 -10.46 -4.85 2.56
N GLU A 88 -10.00 -5.93 3.20
CA GLU A 88 -8.97 -5.83 4.24
C GLU A 88 -7.59 -6.14 3.68
N PRO A 89 -6.55 -5.51 4.24
CA PRO A 89 -5.16 -5.71 3.80
C PRO A 89 -4.70 -7.15 3.95
N PHE A 90 -4.05 -7.66 2.91
CA PHE A 90 -3.55 -9.02 2.90
C PHE A 90 -2.54 -9.16 1.76
N PRO A 91 -1.22 -9.20 2.05
CA PRO A 91 -0.65 -9.15 3.42
C PRO A 91 -1.10 -7.96 4.26
N HIS A 92 -1.15 -8.19 5.58
CA HIS A 92 -1.54 -7.15 6.52
C HIS A 92 -0.55 -5.99 6.50
N TYR A 93 -0.93 -4.89 7.13
CA TYR A 93 -0.07 -3.71 7.16
C TYR A 93 0.93 -3.74 8.32
N PHE A 94 0.72 -2.90 9.32
CA PHE A 94 1.64 -2.83 10.45
C PHE A 94 3.05 -2.46 9.97
N ASP A 95 3.15 -1.37 9.21
CA ASP A 95 4.42 -0.91 8.68
C ASP A 95 4.99 -1.93 7.69
N ALA A 96 4.48 -1.89 6.46
CA ALA A 96 4.91 -2.81 5.41
C ALA A 96 6.36 -2.58 4.97
N CYS A 97 6.59 -1.58 4.11
CA CYS A 97 7.93 -1.29 3.61
C CYS A 97 8.62 -0.22 4.46
N GLY A 98 9.90 -0.41 4.67
CA GLY A 98 10.69 0.53 5.45
C GLY A 98 11.26 1.65 4.60
N PHE A 99 10.64 2.81 4.67
CA PHE A 99 11.09 3.98 3.91
C PHE A 99 11.56 5.08 4.85
N ASP A 100 10.95 5.15 6.02
CA ASP A 100 11.30 6.15 7.01
C ASP A 100 12.27 5.57 8.04
N GLU A 101 12.69 4.33 7.78
CA GLU A 101 13.62 3.65 8.67
C GLU A 101 15.04 4.18 8.53
N TYR A 102 15.86 3.85 9.52
CA TYR A 102 17.25 4.26 9.54
C TYR A 102 18.05 3.38 8.60
N GLU A 103 18.70 2.38 9.19
CA GLU A 103 19.48 1.42 8.44
C GLU A 103 18.63 0.18 8.13
N SER A 104 17.79 0.31 7.11
CA SER A 104 16.88 -0.77 6.70
C SER A 104 17.64 -2.04 6.33
N GLU A 105 18.82 -1.89 5.73
CA GLU A 105 19.62 -3.04 5.31
C GLU A 105 20.23 -3.79 6.50
N THR A 106 19.99 -5.10 6.53
CA THR A 106 20.50 -5.97 7.60
C THR A 106 20.07 -5.46 8.97
N PHE B 1 -8.92 -6.17 -12.73
CA PHE B 1 -9.22 -7.59 -13.05
C PHE B 1 -7.95 -8.40 -13.23
N THR B 2 -6.92 -8.06 -12.46
CA THR B 2 -5.64 -8.77 -12.56
C THR B 2 -5.57 -9.92 -11.57
N ASP B 3 -6.50 -10.86 -11.68
CA ASP B 3 -6.54 -12.02 -10.80
C ASP B 3 -5.67 -13.14 -11.36
N SER B 4 -5.31 -13.01 -12.63
CA SER B 4 -4.47 -14.00 -13.30
C SER B 4 -3.02 -13.81 -12.92
N TYR B 5 -2.65 -12.58 -12.59
CA TYR B 5 -1.28 -12.26 -12.19
C TYR B 5 -1.13 -12.36 -10.68
N SER B 6 -2.16 -11.96 -9.96
CA SER B 6 -2.15 -11.98 -8.51
C SER B 6 -2.44 -13.39 -7.96
N ARG B 7 -2.77 -14.32 -8.85
CA ARG B 7 -3.09 -15.68 -8.45
C ARG B 7 -1.91 -16.33 -7.72
N TYR B 8 -0.75 -16.37 -8.38
CA TYR B 8 0.43 -16.97 -7.79
C TYR B 8 1.12 -16.03 -6.80
N ARG B 9 0.82 -14.73 -6.90
CA ARG B 9 1.42 -13.74 -6.00
C ARG B 9 1.00 -13.96 -4.54
N LYS B 10 -0.09 -14.68 -4.33
CA LYS B 10 -0.55 -14.95 -2.97
C LYS B 10 0.31 -16.03 -2.33
N GLN B 11 1.31 -16.51 -3.06
CA GLN B 11 2.19 -17.56 -2.56
C GLN B 11 3.44 -16.97 -1.91
N MET B 12 3.90 -15.83 -2.43
CA MET B 12 5.10 -15.17 -1.90
C MET B 12 4.77 -13.84 -1.22
N ALA B 13 3.49 -13.53 -1.09
CA ALA B 13 3.09 -12.27 -0.47
C ALA B 13 2.82 -12.41 1.03
N VAL B 14 1.67 -12.96 1.36
CA VAL B 14 1.29 -13.12 2.77
C VAL B 14 2.03 -14.28 3.41
N LYS B 15 2.62 -15.13 2.59
CA LYS B 15 3.34 -16.28 3.08
C LYS B 15 4.81 -15.97 3.34
N LYS B 16 5.52 -15.55 2.31
CA LYS B 16 6.95 -15.26 2.43
C LYS B 16 7.27 -13.81 2.77
N TYR B 17 6.84 -12.88 1.92
CA TYR B 17 7.15 -11.46 2.09
C TYR B 17 6.70 -10.90 3.44
N LEU B 18 5.61 -11.44 3.99
CA LEU B 18 5.10 -10.94 5.27
C LEU B 18 6.20 -10.87 6.33
N ALA B 19 6.86 -12.00 6.58
CA ALA B 19 7.92 -12.06 7.57
C ALA B 19 9.28 -11.63 7.01
N ALA B 20 9.41 -11.67 5.68
CA ALA B 20 10.68 -11.33 5.04
C ALA B 20 11.02 -9.83 5.08
N VAL B 21 10.10 -8.99 4.64
CA VAL B 21 10.35 -7.55 4.62
C VAL B 21 9.96 -6.88 5.94
N LEU B 22 8.92 -7.40 6.58
CA LEU B 22 8.46 -6.85 7.85
C LEU B 22 9.19 -7.53 9.02
N GLY B 23 10.49 -7.75 8.84
CA GLY B 23 11.29 -8.38 9.88
C GLY B 23 12.77 -8.20 9.64
N LYS B 24 13.14 -7.97 8.39
CA LYS B 24 14.54 -7.77 8.02
C LYS B 24 14.96 -6.32 8.26
N ARG B 25 14.16 -5.40 7.78
CA ARG B 25 14.43 -3.97 7.93
C ARG B 25 14.15 -3.49 9.34
N TYR B 26 12.94 -3.76 9.82
CA TYR B 26 12.51 -3.33 11.14
C TYR B 26 13.16 -4.15 12.25
N LYS B 27 13.42 -3.48 13.38
CA LYS B 27 14.01 -4.11 14.54
C LYS B 27 13.67 -3.32 15.80
N GLN B 28 13.70 -2.00 15.70
CA GLN B 28 13.39 -1.13 16.83
C GLN B 28 12.55 0.07 16.40
N ARG B 29 11.69 -0.14 15.41
CA ARG B 29 10.82 0.93 14.92
C ARG B 29 9.37 0.74 15.40
N VAL B 30 8.46 0.54 14.44
CA VAL B 30 7.03 0.33 14.75
C VAL B 30 6.52 1.34 15.79
N LYS B 31 6.94 2.59 15.63
CA LYS B 31 6.53 3.67 16.54
C LYS B 31 5.26 4.36 16.05
N ASN B 32 4.83 4.04 14.83
CA ASN B 32 3.63 4.65 14.25
C ASN B 32 2.37 4.14 14.95
N LYS B 33 2.50 2.99 15.61
CA LYS B 33 1.36 2.40 16.32
C LYS B 33 1.69 2.21 17.79
#